data_9K0J
#
_entry.id   9K0J
#
_cell.length_a   42.280
_cell.length_b   61.543
_cell.length_c   59.987
_cell.angle_alpha   90.000
_cell.angle_beta   97.730
_cell.angle_gamma   90.000
#
_symmetry.space_group_name_H-M   'P 1 21 1'
#
loop_
_entity.id
_entity.type
_entity.pdbx_description
1 polymer 'Fibroblast growth factor receptor 4'
2 non-polymer ~{N}-[5-[(1~{R})-1-[3,5-bis(chloranyl)pyridin-4-yl]ethoxy]-1~{H}-indazol-3-yl]-2-fluoranyl-6-(propanoylamino)benzamide
3 non-polymer 'SULFATE ION'
4 non-polymer 2-AMINO-2-HYDROXYMETHYL-PROPANE-1,3-DIOL
5 water water
#
_entity_poly.entity_id   1
_entity_poly.type   'polypeptide(L)'
_entity_poly.pdbx_seq_one_letter_code
;GPLLAGLVSLDLPLDPLWEFPRDRLVLGKPLGEGAFGQVVRAEAFGMDPARPDQASTVAVKMLKDNASDKDLADLVSEME
VMKLIGRHKNIINLLGVCTQEGPLYVIVECAAKGNLREFLRARRPPGPDLSPDGPRSSEGPLSFPVLVSCAYQVARGMQY
LESRKCIHRDLAARNVLVTEDNVMKIADFGLARGVHHIDYYKKTSNGRLPVKWMAPEALFDEVYTHQSDVWSFGILLWEI
FTLGGSPYPGIPVEELFSLLREGHRMDRPPHCPPELYGLMRECWHAAPSQRPTFKQLVEALDKVLLAVSEE
;
_entity_poly.pdbx_strand_id   A
#
loop_
_chem_comp.id
_chem_comp.type
_chem_comp.name
_chem_comp.formula
A1EEX non-polymer ~{N}-[5-[(1~{R})-1-[3,5-bis(chloranyl)pyridin-4-yl]ethoxy]-1~{H}-indazol-3-yl]-2-fluoranyl-6-(propanoylamino)benzamide 'C24 H20 Cl2 F N5 O3'
SO4 non-polymer 'SULFATE ION' 'O4 S -2'
TRS non-polymer 2-AMINO-2-HYDROXYMETHYL-PROPANE-1,3-DIOL 'C4 H12 N O3 1'
#
# COMPACT_ATOMS: atom_id res chain seq x y z
N ASP A 11 -4.52 15.88 27.57
CA ASP A 11 -5.38 14.85 26.99
C ASP A 11 -4.62 13.53 26.86
N LEU A 12 -3.99 13.33 25.71
CA LEU A 12 -3.13 12.17 25.51
C LEU A 12 -1.87 12.31 26.36
N PRO A 13 -1.28 11.18 26.77
CA PRO A 13 -0.06 11.23 27.58
C PRO A 13 1.17 11.60 26.74
N LEU A 14 2.17 12.19 27.38
CA LEU A 14 3.39 12.58 26.71
C LEU A 14 4.37 11.41 26.57
N ASP A 15 4.65 11.02 25.32
CA ASP A 15 5.67 10.02 25.03
C ASP A 15 6.87 10.72 24.40
N PRO A 16 7.84 11.14 25.23
CA PRO A 16 9.00 11.92 24.78
C PRO A 16 9.84 11.22 23.72
N LEU A 17 9.71 9.90 23.60
CA LEU A 17 10.43 9.16 22.57
C LEU A 17 10.00 9.60 21.17
N TRP A 18 8.71 9.84 20.99
CA TRP A 18 8.14 10.14 19.68
C TRP A 18 7.66 11.58 19.55
N GLU A 19 7.45 12.26 20.67
CA GLU A 19 6.88 13.60 20.64
C GLU A 19 7.75 14.59 19.88
N PHE A 20 7.11 15.38 19.02
CA PHE A 20 7.78 16.35 18.19
C PHE A 20 7.06 17.70 18.30
N PRO A 21 7.81 18.78 18.54
CA PRO A 21 7.21 20.11 18.71
C PRO A 21 6.44 20.54 17.47
N ARG A 22 5.13 20.76 17.63
CA ARG A 22 4.26 21.06 16.49
C ARG A 22 4.64 22.37 15.80
N ASP A 23 5.32 23.25 16.52
CA ASP A 23 5.75 24.53 15.95
C ASP A 23 6.91 24.35 14.98
N ARG A 24 7.45 23.14 14.92
CA ARG A 24 8.50 22.82 13.96
C ARG A 24 7.91 22.24 12.68
N LEU A 25 6.59 22.24 12.60
CA LEU A 25 5.87 21.80 11.40
C LEU A 25 5.26 22.98 10.66
N VAL A 26 5.41 22.99 9.34
CA VAL A 26 4.72 23.96 8.50
C VAL A 26 3.82 23.21 7.52
N LEU A 27 2.51 23.29 7.75
CA LEU A 27 1.55 22.51 6.96
C LEU A 27 1.44 23.04 5.53
N GLY A 28 1.44 22.13 4.57
CA GLY A 28 1.34 22.49 3.17
C GLY A 28 0.11 21.84 2.56
N LYS A 29 0.23 21.44 1.29
CA LYS A 29 -0.91 20.96 0.51
C LYS A 29 -1.50 19.67 1.06
N PRO A 30 -2.84 19.63 1.17
CA PRO A 30 -3.54 18.39 1.53
C PRO A 30 -3.32 17.32 0.47
N LEU A 31 -3.01 16.11 0.88
CA LEU A 31 -2.72 15.00 -0.07
C LEU A 31 -3.96 14.15 -0.32
N GLY A 32 -4.78 13.94 0.70
CA GLY A 32 -5.99 13.14 0.54
C GLY A 32 -6.53 12.73 1.88
N GLU A 33 -7.39 11.71 1.90
CA GLU A 33 -7.94 11.29 3.20
C GLU A 33 -8.39 9.83 3.16
N GLY A 34 -8.67 9.28 4.33
CA GLY A 34 -9.18 7.91 4.47
C GLY A 34 -10.52 7.93 5.16
N ALA A 35 -10.98 6.77 5.59
CA ALA A 35 -12.24 6.65 6.32
C ALA A 35 -12.22 7.53 7.57
N PHE A 36 -11.07 7.60 8.21
CA PHE A 36 -10.87 8.53 9.33
C PHE A 36 -9.63 9.38 9.08
N GLY A 37 -9.78 10.68 9.27
CA GLY A 37 -8.66 11.59 9.16
C GLY A 37 -8.16 11.87 7.76
N GLN A 38 -7.37 12.94 7.64
CA GLN A 38 -6.80 13.36 6.37
C GLN A 38 -5.28 13.36 6.43
N VAL A 39 -4.64 13.44 5.26
CA VAL A 39 -3.19 13.49 5.16
C VAL A 39 -2.75 14.80 4.51
N VAL A 40 -1.80 15.49 5.15
CA VAL A 40 -1.34 16.78 4.67
C VAL A 40 0.19 16.79 4.54
N ARG A 41 0.69 17.23 3.39
CA ARG A 41 2.13 17.42 3.22
C ARG A 41 2.59 18.55 4.13
N ALA A 42 3.78 18.41 4.71
CA ALA A 42 4.30 19.45 5.59
C ALA A 42 5.82 19.54 5.54
N GLU A 43 6.32 20.70 5.93
CA GLU A 43 7.76 20.89 6.10
C GLU A 43 8.09 20.73 7.58
N ALA A 44 9.11 19.93 7.87
CA ALA A 44 9.52 19.69 9.25
C ALA A 44 10.95 20.18 9.46
N PHE A 45 11.19 20.82 10.60
CA PHE A 45 12.53 21.33 10.90
C PHE A 45 13.13 20.63 12.12
N GLY A 46 14.25 19.95 11.90
CA GLY A 46 14.94 19.27 12.98
C GLY A 46 14.31 17.96 13.38
N MET A 47 13.72 17.25 12.42
CA MET A 47 13.20 15.91 12.69
C MET A 47 14.35 15.05 13.23
N ASP A 48 15.53 15.25 12.67
CA ASP A 48 16.77 14.74 13.23
C ASP A 48 17.30 15.75 14.25
N PRO A 49 17.31 15.38 15.54
CA PRO A 49 17.72 16.28 16.62
C PRO A 49 19.17 16.77 16.49
N ALA A 50 19.99 16.04 15.73
CA ALA A 50 21.37 16.43 15.52
C ALA A 50 21.47 17.62 14.57
N ARG A 51 20.41 17.84 13.80
CA ARG A 51 20.34 18.96 12.86
C ARG A 51 19.06 19.74 13.06
N PRO A 52 18.98 20.54 14.14
CA PRO A 52 17.76 21.22 14.59
C PRO A 52 17.11 22.13 13.54
N ASP A 53 17.90 22.69 12.62
CA ASP A 53 17.36 23.63 11.65
C ASP A 53 17.24 23.03 10.26
N GLN A 54 17.45 21.72 10.15
CA GLN A 54 17.37 21.04 8.86
C GLN A 54 15.93 20.79 8.44
N ALA A 55 15.62 21.16 7.21
CA ALA A 55 14.27 20.98 6.66
C ALA A 55 14.10 19.61 6.03
N SER A 56 12.93 19.01 6.24
CA SER A 56 12.56 17.77 5.56
C SER A 56 11.08 17.81 5.21
N THR A 57 10.68 17.03 4.21
CA THR A 57 9.28 16.98 3.81
C THR A 57 8.62 15.73 4.37
N VAL A 58 7.51 15.91 5.08
CA VAL A 58 6.84 14.80 5.75
C VAL A 58 5.35 14.77 5.43
N ALA A 59 4.71 13.65 5.75
CA ALA A 59 3.27 13.53 5.62
C ALA A 59 2.65 13.51 7.01
N VAL A 60 1.67 14.39 7.23
CA VAL A 60 1.05 14.53 8.54
C VAL A 60 -0.38 14.03 8.53
N LYS A 61 -0.65 13.02 9.34
CA LYS A 61 -2.01 12.50 9.51
C LYS A 61 -2.71 13.22 10.65
N MET A 62 -3.96 13.60 10.42
CA MET A 62 -4.73 14.35 11.40
C MET A 62 -6.22 14.12 11.19
N LEU A 63 -7.03 14.47 12.19
CA LEU A 63 -8.47 14.31 12.10
C LEU A 63 -9.10 15.33 11.15
N LYS A 64 -10.26 14.99 10.59
CA LYS A 64 -11.04 15.95 9.80
C LYS A 64 -11.74 16.93 10.76
N ASP A 65 -12.56 17.85 10.22
CA ASP A 65 -12.93 19.06 10.97
C ASP A 65 -14.03 18.91 12.04
N ASN A 66 -14.78 17.81 12.01
CA ASN A 66 -15.38 17.33 13.24
C ASN A 66 -15.25 15.84 12.99
N ALA A 67 -14.31 15.24 13.71
CA ALA A 67 -14.22 13.82 13.98
C ALA A 67 -15.00 13.46 15.25
N SER A 68 -15.61 12.28 15.29
CA SER A 68 -16.15 11.73 16.53
C SER A 68 -14.98 11.25 17.38
N ASP A 69 -15.28 10.79 18.60
CA ASP A 69 -14.21 10.23 19.44
C ASP A 69 -13.75 8.89 18.88
N LYS A 70 -14.61 8.24 18.10
CA LYS A 70 -14.22 7.00 17.43
C LYS A 70 -13.17 7.29 16.38
N ASP A 71 -13.33 8.41 15.68
CA ASP A 71 -12.34 8.85 14.71
C ASP A 71 -11.01 9.10 15.41
N LEU A 72 -11.07 9.80 16.55
CA LEU A 72 -9.89 10.07 17.35
C LEU A 72 -9.27 8.79 17.88
N ALA A 73 -10.12 7.88 18.37
CA ALA A 73 -9.67 6.59 18.87
C ALA A 73 -9.01 5.78 17.77
N ASP A 74 -9.54 5.88 16.56
CA ASP A 74 -8.95 5.20 15.41
C ASP A 74 -7.56 5.75 15.10
N LEU A 75 -7.41 7.06 15.15
CA LEU A 75 -6.15 7.69 14.84
C LEU A 75 -5.11 7.40 15.92
N VAL A 76 -5.54 7.47 17.18
CA VAL A 76 -4.67 7.13 18.30
C VAL A 76 -4.22 5.68 18.20
N SER A 77 -5.15 4.80 17.84
CA SER A 77 -4.84 3.39 17.66
C SER A 77 -3.83 3.18 16.54
N GLU A 78 -3.95 3.97 15.47
CA GLU A 78 -3.00 3.89 14.36
C GLU A 78 -1.62 4.35 14.81
N MET A 79 -1.59 5.43 15.58
CA MET A 79 -0.35 5.96 16.13
C MET A 79 0.39 4.91 16.95
N GLU A 80 -0.34 4.19 17.80
CA GLU A 80 0.27 3.20 18.67
C GLU A 80 0.79 2.01 17.89
N VAL A 81 0.07 1.62 16.84
CA VAL A 81 0.56 0.56 15.96
C VAL A 81 1.87 0.99 15.31
N MET A 82 1.90 2.22 14.78
CA MET A 82 3.09 2.76 14.13
C MET A 82 4.30 2.74 15.05
N LYS A 83 4.08 3.01 16.34
CA LYS A 83 5.16 3.01 17.33
C LYS A 83 5.79 1.63 17.50
N LEU A 84 4.94 0.61 17.56
CA LEU A 84 5.38 -0.74 17.90
C LEU A 84 5.99 -1.51 16.72
N ILE A 85 5.57 -1.18 15.50
CA ILE A 85 5.97 -1.95 14.33
C ILE A 85 7.47 -1.81 14.02
N GLY A 86 8.01 -0.62 14.24
CA GLY A 86 9.43 -0.41 14.05
C GLY A 86 9.77 0.13 12.68
N ARG A 87 11.06 0.17 12.35
CA ARG A 87 11.52 0.75 11.10
C ARG A 87 11.89 -0.29 10.05
N HIS A 88 11.39 -0.11 8.84
CA HIS A 88 11.78 -0.96 7.72
C HIS A 88 11.77 -0.16 6.41
N LYS A 89 12.68 -0.52 5.52
CA LYS A 89 12.87 0.19 4.26
C LYS A 89 11.63 0.18 3.37
N ASN A 90 10.81 -0.86 3.49
CA ASN A 90 9.69 -1.04 2.57
C ASN A 90 8.32 -0.79 3.19
N ILE A 91 8.28 0.01 4.25
CA ILE A 91 7.02 0.50 4.79
C ILE A 91 7.09 1.99 5.04
N ILE A 92 5.94 2.64 5.11
CA ILE A 92 5.87 4.03 5.55
C ILE A 92 6.13 4.06 7.05
N ASN A 93 7.22 4.71 7.45
CA ASN A 93 7.64 4.69 8.84
C ASN A 93 7.16 5.89 9.64
N LEU A 94 6.91 5.66 10.92
CA LEU A 94 6.56 6.74 11.84
C LEU A 94 7.78 7.61 12.12
N LEU A 95 7.60 8.93 12.06
CA LEU A 95 8.70 9.86 12.31
C LEU A 95 8.54 10.55 13.65
N GLY A 96 7.31 10.89 14.00
CA GLY A 96 7.04 11.57 15.24
C GLY A 96 5.55 11.83 15.42
N VAL A 97 5.18 12.35 16.57
CA VAL A 97 3.78 12.67 16.85
C VAL A 97 3.65 14.02 17.55
N CYS A 98 2.49 14.63 17.41
CA CYS A 98 2.16 15.85 18.14
C CYS A 98 0.89 15.59 18.92
N THR A 99 1.01 15.43 20.23
CA THR A 99 -0.14 15.07 21.07
C THR A 99 -0.43 16.12 22.14
N GLN A 100 0.53 17.01 22.39
CA GLN A 100 0.41 17.98 23.47
C GLN A 100 -0.01 19.35 22.97
N GLU A 101 -0.99 19.93 23.65
CA GLU A 101 -1.41 21.32 23.44
C GLU A 101 -1.73 21.63 21.98
N GLY A 102 -2.72 20.93 21.43
CA GLY A 102 -3.11 21.13 20.05
C GLY A 102 -3.62 19.83 19.45
N PRO A 103 -4.05 19.89 18.18
CA PRO A 103 -4.63 18.73 17.48
C PRO A 103 -3.64 17.57 17.34
N LEU A 104 -4.16 16.35 17.31
CA LEU A 104 -3.34 15.16 17.18
C LEU A 104 -2.72 15.04 15.79
N TYR A 105 -1.39 15.02 15.73
CA TYR A 105 -0.67 14.80 14.49
C TYR A 105 0.11 13.49 14.55
N VAL A 106 -0.03 12.67 13.52
CA VAL A 106 0.82 11.50 13.36
C VAL A 106 1.70 11.70 12.14
N ILE A 107 2.99 11.96 12.39
CA ILE A 107 3.92 12.32 11.33
C ILE A 107 4.66 11.11 10.75
N VAL A 108 4.49 10.88 9.46
CA VAL A 108 5.07 9.71 8.81
C VAL A 108 5.88 10.10 7.58
N GLU A 109 6.61 9.14 7.03
CA GLU A 109 7.44 9.38 5.86
C GLU A 109 6.60 9.81 4.65
N CYS A 110 7.18 10.68 3.83
CA CYS A 110 6.50 11.14 2.63
C CYS A 110 7.13 10.54 1.38
N ALA A 111 6.31 9.91 0.55
CA ALA A 111 6.79 9.30 -0.68
C ALA A 111 6.55 10.23 -1.85
N ALA A 112 7.63 10.66 -2.49
CA ALA A 112 7.58 11.70 -3.52
C ALA A 112 6.69 11.37 -4.71
N LYS A 113 6.65 10.10 -5.11
CA LYS A 113 6.01 9.74 -6.38
C LYS A 113 4.58 9.22 -6.28
N GLY A 114 3.99 9.27 -5.09
CA GLY A 114 2.60 8.84 -4.91
C GLY A 114 2.44 7.34 -4.88
N ASN A 115 1.21 6.85 -5.05
CA ASN A 115 0.97 5.42 -4.91
C ASN A 115 1.36 4.62 -6.14
N LEU A 116 1.52 3.31 -5.96
CA LEU A 116 2.05 2.43 -7.00
C LEU A 116 1.12 2.30 -8.20
N ARG A 117 -0.19 2.35 -7.97
CA ARG A 117 -1.15 2.25 -9.07
C ARG A 117 -1.00 3.41 -10.06
N GLU A 118 -1.02 4.64 -9.55
CA GLU A 118 -0.87 5.80 -10.41
C GLU A 118 0.54 5.86 -11.02
N PHE A 119 1.52 5.39 -10.26
CA PHE A 119 2.89 5.31 -10.74
C PHE A 119 2.99 4.49 -12.01
N LEU A 120 2.35 3.33 -12.01
CA LEU A 120 2.38 2.43 -13.17
C LEU A 120 1.53 2.96 -14.32
N ARG A 121 0.36 3.48 -14.00
CA ARG A 121 -0.57 3.97 -15.04
C ARG A 121 0.00 5.16 -15.81
N ALA A 122 0.79 6.00 -15.13
CA ALA A 122 1.38 7.16 -15.77
C ALA A 122 2.62 6.80 -16.58
N ARG A 123 3.09 5.57 -16.42
CA ARG A 123 4.32 5.14 -17.08
C ARG A 123 4.10 3.95 -18.03
N ARG A 124 2.88 3.83 -18.53
CA ARG A 124 2.59 2.82 -19.54
C ARG A 124 3.31 3.18 -20.84
N PRO A 125 3.70 2.17 -21.64
CA PRO A 125 4.47 2.41 -22.86
C PRO A 125 3.74 3.32 -23.84
N PRO A 126 4.48 4.04 -24.69
CA PRO A 126 3.87 4.91 -25.69
C PRO A 126 2.94 4.14 -26.62
N GLY A 127 1.81 4.76 -26.97
CA GLY A 127 0.81 4.07 -27.78
C GLY A 127 1.15 3.98 -29.24
N PRO A 128 0.31 3.27 -30.01
CA PRO A 128 0.50 3.07 -31.46
C PRO A 128 0.18 4.30 -32.29
N ASP A 129 -0.22 5.40 -31.66
CA ASP A 129 -0.57 6.61 -32.39
C ASP A 129 0.55 7.65 -32.33
N LEU A 130 1.56 7.37 -31.51
CA LEU A 130 2.66 8.32 -31.33
C LEU A 130 3.73 8.16 -32.40
N SER A 131 4.06 9.26 -33.08
CA SER A 131 5.07 9.24 -34.12
C SER A 131 6.46 9.02 -33.52
N PRO A 132 7.23 8.11 -34.13
CA PRO A 132 8.60 7.79 -33.67
C PRO A 132 9.50 9.03 -33.67
N ASP A 133 10.07 9.35 -32.51
CA ASP A 133 10.95 10.50 -32.38
C ASP A 133 12.17 10.15 -31.56
N GLY A 134 13.25 9.77 -32.23
CA GLY A 134 14.48 9.40 -31.54
C GLY A 134 14.69 7.89 -31.50
N PRO A 135 15.79 7.45 -30.89
CA PRO A 135 16.20 6.05 -30.83
C PRO A 135 15.47 5.21 -29.79
N ARG A 136 14.61 5.82 -28.97
CA ARG A 136 13.92 5.09 -27.92
C ARG A 136 12.41 5.29 -27.98
N SER A 137 11.88 5.45 -29.19
CA SER A 137 10.46 5.73 -29.38
C SER A 137 9.56 4.58 -28.89
N SER A 138 10.11 3.37 -28.86
CA SER A 138 9.34 2.20 -28.45
C SER A 138 9.59 1.85 -26.99
N GLU A 139 10.55 2.53 -26.37
CA GLU A 139 11.00 2.19 -25.03
C GLU A 139 10.30 3.00 -23.95
N GLY A 140 9.35 2.38 -23.25
CA GLY A 140 8.65 3.04 -22.17
C GLY A 140 9.48 3.10 -20.90
N PRO A 141 9.01 3.85 -19.90
CA PRO A 141 9.72 4.01 -18.62
C PRO A 141 9.85 2.70 -17.84
N LEU A 142 8.91 1.80 -18.02
CA LEU A 142 8.88 0.56 -17.22
C LEU A 142 9.51 -0.62 -17.94
N SER A 143 10.43 -1.30 -17.24
CA SER A 143 11.03 -2.52 -17.74
C SER A 143 10.64 -3.67 -16.84
N PHE A 144 10.77 -4.89 -17.34
CA PHE A 144 10.39 -6.08 -16.58
C PHE A 144 11.15 -6.25 -15.24
N PRO A 145 12.48 -6.05 -15.24
CA PRO A 145 13.16 -6.23 -13.94
C PRO A 145 12.75 -5.22 -12.88
N VAL A 146 12.37 -4.02 -13.29
CA VAL A 146 11.91 -3.01 -12.35
C VAL A 146 10.54 -3.40 -11.78
N LEU A 147 9.67 -3.95 -12.64
CA LEU A 147 8.38 -4.43 -12.20
C LEU A 147 8.54 -5.56 -11.18
N VAL A 148 9.46 -6.47 -11.46
CA VAL A 148 9.76 -7.57 -10.53
C VAL A 148 10.28 -7.02 -9.22
N SER A 149 11.14 -6.02 -9.30
CA SER A 149 11.71 -5.40 -8.11
C SER A 149 10.61 -4.75 -7.26
N CYS A 150 9.63 -4.14 -7.91
CA CYS A 150 8.49 -3.56 -7.21
C CYS A 150 7.74 -4.62 -6.42
N ALA A 151 7.48 -5.75 -7.07
CA ALA A 151 6.79 -6.86 -6.41
C ALA A 151 7.61 -7.43 -5.26
N TYR A 152 8.91 -7.60 -5.51
CA TYR A 152 9.82 -8.13 -4.49
C TYR A 152 9.86 -7.23 -3.25
N GLN A 153 9.94 -5.93 -3.46
CA GLN A 153 10.01 -4.98 -2.36
C GLN A 153 8.76 -5.01 -1.50
N VAL A 154 7.59 -5.06 -2.15
CA VAL A 154 6.32 -5.13 -1.44
C VAL A 154 6.26 -6.41 -0.60
N ALA A 155 6.76 -7.51 -1.18
CA ALA A 155 6.82 -8.78 -0.47
C ALA A 155 7.71 -8.72 0.77
N ARG A 156 8.88 -8.09 0.64
CA ARG A 156 9.79 -7.92 1.77
C ARG A 156 9.15 -7.07 2.86
N GLY A 157 8.44 -6.02 2.44
CA GLY A 157 7.75 -5.16 3.38
C GLY A 157 6.66 -5.92 4.12
N MET A 158 5.91 -6.75 3.39
CA MET A 158 4.85 -7.54 3.99
C MET A 158 5.42 -8.62 4.91
N GLN A 159 6.56 -9.17 4.52
CA GLN A 159 7.27 -10.14 5.35
C GLN A 159 7.63 -9.53 6.70
N TYR A 160 8.10 -8.30 6.66
CA TYR A 160 8.45 -7.59 7.89
C TYR A 160 7.21 -7.36 8.75
N LEU A 161 6.16 -6.85 8.14
CA LEU A 161 4.91 -6.59 8.86
C LEU A 161 4.37 -7.87 9.50
N GLU A 162 4.49 -8.98 8.79
CA GLU A 162 4.04 -10.28 9.32
C GLU A 162 4.88 -10.68 10.54
N SER A 163 6.19 -10.46 10.47
CA SER A 163 7.08 -10.79 11.57
C SER A 163 6.73 -9.99 12.83
N ARG A 164 6.14 -8.82 12.62
CA ARG A 164 5.70 -7.98 13.74
C ARG A 164 4.22 -8.21 14.02
N LYS A 165 3.70 -9.32 13.49
CA LYS A 165 2.31 -9.74 13.71
C LYS A 165 1.31 -8.67 13.28
N CYS A 166 1.60 -8.00 12.17
CA CYS A 166 0.71 -6.98 11.63
C CYS A 166 0.02 -7.46 10.35
N ILE A 167 -1.30 -7.36 10.32
CA ILE A 167 -2.09 -7.69 9.14
C ILE A 167 -2.59 -6.41 8.49
N HIS A 168 -2.47 -6.31 7.17
CA HIS A 168 -2.83 -5.08 6.47
C HIS A 168 -4.35 -4.96 6.27
N ARG A 169 -4.93 -6.00 5.69
CA ARG A 169 -6.39 -6.16 5.47
C ARG A 169 -6.93 -5.39 4.26
N ASP A 170 -6.11 -4.55 3.64
CA ASP A 170 -6.46 -3.96 2.35
C ASP A 170 -5.20 -3.69 1.54
N LEU A 171 -4.36 -4.71 1.40
CA LEU A 171 -3.16 -4.61 0.61
C LEU A 171 -3.53 -4.47 -0.86
N ALA A 172 -3.09 -3.37 -1.48
CA ALA A 172 -3.36 -3.07 -2.87
C ALA A 172 -2.33 -2.08 -3.39
N ALA A 173 -2.23 -1.95 -4.70
CA ALA A 173 -1.25 -1.03 -5.30
C ALA A 173 -1.49 0.40 -4.84
N ARG A 174 -2.77 0.73 -4.61
CA ARG A 174 -3.20 2.08 -4.13
C ARG A 174 -2.59 2.32 -2.74
N ASN A 175 -2.37 1.26 -1.98
CA ASN A 175 -1.83 1.40 -0.62
C ASN A 175 -0.33 1.13 -0.54
N VAL A 176 0.33 1.11 -1.68
CA VAL A 176 1.78 1.04 -1.74
C VAL A 176 2.32 2.34 -2.33
N LEU A 177 3.21 3.01 -1.61
CA LEU A 177 3.72 4.30 -2.05
C LEU A 177 5.14 4.19 -2.62
N VAL A 178 5.48 5.13 -3.50
CA VAL A 178 6.75 5.10 -4.22
C VAL A 178 7.62 6.31 -3.89
N THR A 179 8.86 6.07 -3.49
CA THR A 179 9.77 7.15 -3.13
C THR A 179 10.48 7.74 -4.35
N GLU A 180 11.30 8.75 -4.11
CA GLU A 180 12.07 9.40 -5.17
C GLU A 180 13.00 8.42 -5.87
N ASP A 181 13.39 7.37 -5.16
CA ASP A 181 14.30 6.37 -5.72
C ASP A 181 13.58 5.08 -6.09
N ASN A 182 12.26 5.18 -6.27
CA ASN A 182 11.42 4.04 -6.63
C ASN A 182 11.48 2.90 -5.62
N VAL A 183 11.60 3.25 -4.35
CA VAL A 183 11.49 2.27 -3.28
C VAL A 183 10.01 2.11 -2.92
N MET A 184 9.54 0.87 -2.88
CA MET A 184 8.16 0.59 -2.50
C MET A 184 8.01 0.72 -0.99
N LYS A 185 7.00 1.45 -0.55
CA LYS A 185 6.71 1.56 0.88
C LYS A 185 5.22 1.32 1.15
N ILE A 186 4.94 0.22 1.85
CA ILE A 186 3.58 -0.13 2.22
C ILE A 186 2.99 0.91 3.18
N ALA A 187 1.81 1.42 2.84
CA ALA A 187 1.18 2.46 3.64
C ALA A 187 -0.09 1.96 4.33
N ASP A 188 -0.44 2.63 5.43
CA ASP A 188 -1.69 2.38 6.14
C ASP A 188 -1.90 0.91 6.51
N PHE A 189 -0.87 0.30 7.09
CA PHE A 189 -0.90 -1.10 7.48
C PHE A 189 -1.54 -1.29 8.87
N GLY A 190 -1.56 -0.23 9.66
CA GLY A 190 -2.09 -0.32 11.01
C GLY A 190 -3.48 0.26 11.25
N LEU A 191 -4.34 0.18 10.25
CA LEU A 191 -5.63 0.87 10.29
C LEU A 191 -6.78 0.01 10.81
N ALA A 192 -7.61 0.62 11.65
CA ALA A 192 -8.93 0.07 11.91
C ALA A 192 -9.74 0.29 10.65
N ARG A 193 -10.24 -0.80 10.05
CA ARG A 193 -10.89 -0.70 8.75
C ARG A 193 -12.35 -1.15 8.77
N GLY A 194 -12.94 -1.20 9.96
CA GLY A 194 -14.35 -1.53 10.12
C GLY A 194 -14.75 -2.81 9.41
N VAL A 195 -14.08 -3.91 9.75
CA VAL A 195 -14.26 -5.17 9.03
C VAL A 195 -15.63 -5.80 9.27
N HIS A 196 -16.38 -5.30 10.23
CA HIS A 196 -17.69 -5.84 10.54
C HIS A 196 -18.82 -5.03 9.90
N HIS A 197 -18.46 -3.97 9.18
CA HIS A 197 -19.45 -3.19 8.46
C HIS A 197 -18.88 -2.65 7.14
N ILE A 198 -18.39 -3.57 6.31
CA ILE A 198 -17.88 -3.20 5.00
C ILE A 198 -19.02 -3.11 3.98
N ASP A 199 -19.16 -1.95 3.35
CA ASP A 199 -20.06 -1.83 2.20
C ASP A 199 -19.36 -2.45 1.00
N TYR A 200 -19.70 -3.69 0.69
CA TYR A 200 -19.01 -4.43 -0.37
C TYR A 200 -19.27 -3.85 -1.76
N TYR A 201 -20.32 -3.06 -1.89
CA TYR A 201 -20.66 -2.44 -3.17
C TYR A 201 -20.05 -1.06 -3.32
N LYS A 202 -19.37 -0.59 -2.28
CA LYS A 202 -18.81 0.76 -2.26
C LYS A 202 -17.72 0.95 -3.32
N LYS A 203 -17.89 1.97 -4.13
CA LYS A 203 -16.89 2.36 -5.13
C LYS A 203 -16.26 3.68 -4.71
N THR A 204 -14.93 3.77 -4.78
CA THR A 204 -14.24 4.98 -4.38
C THR A 204 -14.40 6.09 -5.42
N SER A 205 -13.94 7.29 -5.08
CA SER A 205 -14.00 8.43 -5.99
C SER A 205 -13.17 8.22 -7.24
N ASN A 206 -12.19 7.32 -7.16
CA ASN A 206 -11.36 7.01 -8.30
C ASN A 206 -11.77 5.69 -8.95
N GLY A 207 -12.92 5.15 -8.52
CA GLY A 207 -13.52 4.01 -9.17
C GLY A 207 -13.08 2.65 -8.65
N ARG A 208 -12.38 2.63 -7.51
CA ARG A 208 -11.90 1.37 -6.95
C ARG A 208 -12.99 0.63 -6.19
N LEU A 209 -13.07 -0.69 -6.41
CA LEU A 209 -13.93 -1.57 -5.62
C LEU A 209 -13.07 -2.44 -4.71
N PRO A 210 -12.85 -2.00 -3.46
CA PRO A 210 -11.92 -2.67 -2.54
C PRO A 210 -12.26 -4.14 -2.27
N VAL A 211 -13.52 -4.53 -2.49
CA VAL A 211 -13.94 -5.91 -2.29
C VAL A 211 -13.14 -6.86 -3.20
N LYS A 212 -12.64 -6.34 -4.32
CA LYS A 212 -11.93 -7.17 -5.29
C LYS A 212 -10.54 -7.61 -4.82
N TRP A 213 -10.10 -7.08 -3.67
CA TRP A 213 -8.80 -7.44 -3.10
C TRP A 213 -8.93 -8.38 -1.91
N MET A 214 -10.15 -8.65 -1.47
CA MET A 214 -10.40 -9.46 -0.29
C MET A 214 -10.26 -10.96 -0.56
N ALA A 215 -9.55 -11.65 0.33
CA ALA A 215 -9.50 -13.11 0.31
C ALA A 215 -10.90 -13.66 0.58
N PRO A 216 -11.21 -14.85 0.02
CA PRO A 216 -12.54 -15.44 0.21
C PRO A 216 -12.92 -15.60 1.67
N GLU A 217 -11.99 -16.04 2.52
CA GLU A 217 -12.29 -16.22 3.93
C GLU A 217 -12.55 -14.87 4.61
N ALA A 218 -11.94 -13.82 4.09
CA ALA A 218 -12.18 -12.48 4.63
C ALA A 218 -13.54 -11.96 4.19
N LEU A 219 -13.83 -12.10 2.90
CA LEU A 219 -15.09 -11.65 2.34
C LEU A 219 -16.29 -12.43 2.89
N PHE A 220 -16.18 -13.76 2.84
CA PHE A 220 -17.31 -14.61 3.20
C PHE A 220 -17.41 -14.90 4.70
N ASP A 221 -16.26 -15.01 5.37
CA ASP A 221 -16.26 -15.45 6.77
C ASP A 221 -15.74 -14.40 7.74
N GLU A 222 -15.35 -13.24 7.22
CA GLU A 222 -14.78 -12.16 8.03
C GLU A 222 -13.55 -12.64 8.80
N VAL A 223 -12.77 -13.50 8.17
CA VAL A 223 -11.54 -14.03 8.78
C VAL A 223 -10.31 -13.43 8.11
N TYR A 224 -9.48 -12.77 8.90
CA TYR A 224 -8.24 -12.19 8.40
C TYR A 224 -7.01 -12.85 9.04
N THR A 225 -6.11 -13.34 8.19
CA THR A 225 -4.80 -13.80 8.64
C THR A 225 -3.73 -13.22 7.72
N HIS A 226 -2.49 -13.62 7.91
CA HIS A 226 -1.42 -13.18 7.02
C HIS A 226 -1.61 -13.80 5.64
N GLN A 227 -2.26 -14.96 5.60
CA GLN A 227 -2.50 -15.64 4.35
C GLN A 227 -3.60 -14.95 3.54
N SER A 228 -4.49 -14.24 4.22
CA SER A 228 -5.49 -13.45 3.51
C SER A 228 -4.81 -12.24 2.87
N ASP A 229 -3.77 -11.73 3.54
CA ASP A 229 -2.94 -10.69 2.93
C ASP A 229 -2.20 -11.22 1.70
N VAL A 230 -1.79 -12.49 1.76
CA VAL A 230 -1.12 -13.13 0.64
C VAL A 230 -2.02 -13.16 -0.59
N TRP A 231 -3.30 -13.47 -0.37
CA TRP A 231 -4.29 -13.40 -1.45
C TRP A 231 -4.27 -12.00 -2.08
N SER A 232 -4.37 -10.98 -1.24
CA SER A 232 -4.37 -9.60 -1.71
C SER A 232 -3.10 -9.28 -2.48
N PHE A 233 -1.98 -9.83 -2.02
CA PHE A 233 -0.71 -9.64 -2.70
C PHE A 233 -0.74 -10.21 -4.11
N GLY A 234 -1.46 -11.32 -4.28
CA GLY A 234 -1.64 -11.90 -5.60
C GLY A 234 -2.36 -10.94 -6.53
N ILE A 235 -3.38 -10.26 -6.00
CA ILE A 235 -4.09 -9.24 -6.76
C ILE A 235 -3.14 -8.10 -7.11
N LEU A 236 -2.32 -7.71 -6.14
CA LEU A 236 -1.35 -6.64 -6.32
C LEU A 236 -0.35 -6.99 -7.41
N LEU A 237 0.05 -8.27 -7.47
CA LEU A 237 0.92 -8.76 -8.51
C LEU A 237 0.28 -8.54 -9.88
N TRP A 238 -1.00 -8.89 -9.98
CA TRP A 238 -1.76 -8.69 -11.21
C TRP A 238 -1.81 -7.21 -11.59
N GLU A 239 -2.02 -6.35 -10.59
CA GLU A 239 -1.98 -4.90 -10.80
C GLU A 239 -0.66 -4.45 -11.41
N ILE A 240 0.44 -4.94 -10.83
CA ILE A 240 1.77 -4.56 -11.29
C ILE A 240 2.01 -4.91 -12.75
N PHE A 241 1.67 -6.15 -13.14
CA PHE A 241 2.03 -6.59 -14.48
C PHE A 241 0.94 -6.33 -15.51
N THR A 242 -0.12 -5.65 -15.08
CA THR A 242 -1.05 -4.99 -16.00
C THR A 242 -0.75 -3.50 -16.00
N LEU A 243 0.33 -3.13 -15.32
CA LEU A 243 0.76 -1.74 -15.20
C LEU A 243 -0.34 -0.84 -14.65
N GLY A 244 -0.93 -1.26 -13.54
CA GLY A 244 -1.95 -0.47 -12.87
C GLY A 244 -3.38 -0.71 -13.35
N GLY A 245 -3.64 -1.92 -13.85
CA GLY A 245 -4.98 -2.28 -14.29
C GLY A 245 -5.88 -2.57 -13.10
N SER A 246 -7.20 -2.48 -13.33
CA SER A 246 -8.17 -2.82 -12.30
C SER A 246 -8.56 -4.29 -12.40
N PRO A 247 -8.53 -5.00 -11.27
CA PRO A 247 -8.75 -6.46 -11.25
C PRO A 247 -10.19 -6.86 -11.60
N TYR A 248 -10.35 -8.12 -12.01
CA TYR A 248 -11.64 -8.64 -12.48
C TYR A 248 -12.37 -7.74 -13.48
N PRO A 249 -11.71 -7.41 -14.60
CA PRO A 249 -12.18 -6.37 -15.53
C PRO A 249 -13.62 -6.56 -15.95
N GLY A 250 -14.42 -5.51 -15.82
CA GLY A 250 -15.80 -5.52 -16.28
C GLY A 250 -16.74 -6.37 -15.45
N ILE A 251 -16.29 -6.77 -14.27
CA ILE A 251 -17.10 -7.59 -13.38
C ILE A 251 -17.60 -6.78 -12.19
N PRO A 252 -18.92 -6.54 -12.13
CA PRO A 252 -19.50 -5.83 -10.98
C PRO A 252 -19.48 -6.69 -9.73
N VAL A 253 -19.74 -6.10 -8.57
CA VAL A 253 -19.62 -6.79 -7.29
C VAL A 253 -20.54 -8.01 -7.19
N GLU A 254 -21.76 -7.88 -7.68
CA GLU A 254 -22.72 -8.98 -7.63
C GLU A 254 -22.18 -10.20 -8.36
N GLU A 255 -21.61 -9.97 -9.54
CA GLU A 255 -21.04 -11.06 -10.32
C GLU A 255 -19.79 -11.62 -9.66
N LEU A 256 -19.02 -10.75 -9.00
CA LEU A 256 -17.82 -11.19 -8.28
C LEU A 256 -18.17 -12.22 -7.22
N PHE A 257 -19.25 -11.97 -6.48
CA PHE A 257 -19.71 -12.88 -5.44
C PHE A 257 -19.90 -14.30 -5.96
N SER A 258 -20.67 -14.44 -7.03
CA SER A 258 -20.99 -15.75 -7.57
C SER A 258 -19.78 -16.40 -8.22
N LEU A 259 -18.97 -15.59 -8.91
CA LEU A 259 -17.77 -16.11 -9.57
C LEU A 259 -16.77 -16.65 -8.54
N LEU A 260 -16.62 -15.94 -7.43
CA LEU A 260 -15.73 -16.40 -6.37
C LEU A 260 -16.24 -17.69 -5.74
N ARG A 261 -17.56 -17.81 -5.61
CA ARG A 261 -18.16 -19.02 -5.06
C ARG A 261 -17.99 -20.20 -6.01
N GLU A 262 -17.83 -19.90 -7.30
CA GLU A 262 -17.59 -20.94 -8.30
C GLU A 262 -16.11 -21.21 -8.48
N GLY A 263 -15.27 -20.43 -7.80
CA GLY A 263 -13.83 -20.61 -7.85
C GLY A 263 -13.17 -19.94 -9.03
N HIS A 264 -13.80 -18.91 -9.57
CA HIS A 264 -13.25 -18.16 -10.70
C HIS A 264 -11.94 -17.46 -10.32
N ARG A 265 -11.00 -17.45 -11.26
CA ARG A 265 -9.74 -16.74 -11.09
C ARG A 265 -9.49 -15.87 -12.32
N MET A 266 -8.75 -14.79 -12.14
CA MET A 266 -8.41 -13.91 -13.25
C MET A 266 -7.52 -14.60 -14.27
N ASP A 267 -7.70 -14.25 -15.54
CA ASP A 267 -6.87 -14.75 -16.62
C ASP A 267 -5.44 -14.25 -16.50
N ARG A 268 -4.52 -14.96 -17.14
CA ARG A 268 -3.15 -14.49 -17.29
C ARG A 268 -3.14 -13.24 -18.17
N PRO A 269 -2.65 -12.12 -17.62
CA PRO A 269 -2.63 -10.86 -18.37
C PRO A 269 -1.60 -10.87 -19.50
N PRO A 270 -1.76 -9.99 -20.50
CA PRO A 270 -0.80 -9.93 -21.61
C PRO A 270 0.59 -9.54 -21.13
N HIS A 271 1.61 -10.01 -21.85
CA HIS A 271 3.00 -9.65 -21.55
C HIS A 271 3.37 -9.91 -20.11
N CYS A 272 2.91 -11.06 -19.60
CA CYS A 272 3.22 -11.49 -18.23
C CYS A 272 3.72 -12.92 -18.27
N PRO A 273 5.00 -13.11 -17.94
CA PRO A 273 5.62 -14.44 -17.99
C PRO A 273 4.90 -15.44 -17.08
N PRO A 274 4.94 -16.73 -17.43
CA PRO A 274 4.23 -17.77 -16.68
C PRO A 274 4.70 -17.87 -15.23
N GLU A 275 5.96 -17.51 -14.97
CA GLU A 275 6.49 -17.53 -13.61
C GLU A 275 5.65 -16.67 -12.67
N LEU A 276 5.21 -15.52 -13.17
CA LEU A 276 4.49 -14.57 -12.33
C LEU A 276 3.01 -14.85 -12.25
N TYR A 277 2.42 -15.34 -13.34
CA TYR A 277 1.02 -15.77 -13.27
C TYR A 277 0.93 -17.02 -12.39
N GLY A 278 2.00 -17.81 -12.40
CA GLY A 278 2.08 -18.97 -11.52
C GLY A 278 1.98 -18.56 -10.07
N LEU A 279 2.74 -17.54 -9.68
CA LEU A 279 2.72 -17.06 -8.31
C LEU A 279 1.38 -16.43 -7.93
N MET A 280 0.77 -15.72 -8.88
CA MET A 280 -0.57 -15.15 -8.65
C MET A 280 -1.56 -16.25 -8.30
N ARG A 281 -1.58 -17.31 -9.09
CA ARG A 281 -2.51 -18.42 -8.89
C ARG A 281 -2.25 -19.12 -7.57
N GLU A 282 -0.99 -19.21 -7.17
CA GLU A 282 -0.63 -19.81 -5.88
C GLU A 282 -1.18 -18.96 -4.74
N CYS A 283 -1.11 -17.64 -4.91
CA CYS A 283 -1.63 -16.70 -3.91
C CYS A 283 -3.15 -16.78 -3.84
N TRP A 284 -3.77 -17.29 -4.90
CA TRP A 284 -5.23 -17.37 -4.96
C TRP A 284 -5.78 -18.77 -4.71
N HIS A 285 -4.96 -19.63 -4.11
CA HIS A 285 -5.44 -20.96 -3.73
C HIS A 285 -6.57 -20.83 -2.71
N ALA A 286 -7.59 -21.66 -2.86
CA ALA A 286 -8.77 -21.61 -2.01
C ALA A 286 -8.39 -21.77 -0.54
N ALA A 287 -7.60 -22.80 -0.25
CA ALA A 287 -7.14 -23.05 1.12
C ALA A 287 -6.00 -22.10 1.46
N PRO A 288 -6.18 -21.27 2.49
CA PRO A 288 -5.18 -20.28 2.92
C PRO A 288 -3.82 -20.90 3.20
N SER A 289 -3.82 -22.15 3.68
CA SER A 289 -2.57 -22.84 3.98
C SER A 289 -1.84 -23.27 2.72
N GLN A 290 -2.57 -23.37 1.61
CA GLN A 290 -1.98 -23.78 0.34
C GLN A 290 -1.31 -22.61 -0.37
N ARG A 291 -1.55 -21.40 0.09
CA ARG A 291 -0.93 -20.22 -0.48
C ARG A 291 0.49 -20.09 0.06
N PRO A 292 1.40 -19.52 -0.74
CA PRO A 292 2.76 -19.29 -0.25
C PRO A 292 2.76 -18.31 0.92
N THR A 293 3.76 -18.39 1.78
CA THR A 293 3.96 -17.36 2.80
C THR A 293 4.70 -16.21 2.16
N PHE A 294 4.73 -15.06 2.82
CA PHE A 294 5.46 -13.91 2.30
C PHE A 294 6.95 -14.21 2.21
N LYS A 295 7.45 -15.01 3.16
CA LYS A 295 8.85 -15.42 3.14
C LYS A 295 9.15 -16.21 1.86
N GLN A 296 8.24 -17.11 1.49
CA GLN A 296 8.39 -17.87 0.27
C GLN A 296 8.25 -16.98 -0.96
N LEU A 297 7.36 -15.99 -0.89
CA LEU A 297 7.16 -15.06 -1.99
C LEU A 297 8.41 -14.22 -2.22
N VAL A 298 9.01 -13.76 -1.13
CA VAL A 298 10.24 -12.99 -1.19
C VAL A 298 11.35 -13.79 -1.89
N GLU A 299 11.50 -15.05 -1.49
CA GLU A 299 12.53 -15.90 -2.05
C GLU A 299 12.25 -16.23 -3.51
N ALA A 300 10.99 -16.52 -3.82
CA ALA A 300 10.59 -16.85 -5.18
C ALA A 300 10.82 -15.67 -6.12
N LEU A 301 10.41 -14.48 -5.67
CA LEU A 301 10.57 -13.27 -6.47
C LEU A 301 12.04 -12.88 -6.59
N ASP A 302 12.82 -13.17 -5.56
CA ASP A 302 14.24 -12.85 -5.58
C ASP A 302 14.98 -13.65 -6.64
N LYS A 303 14.61 -14.92 -6.80
CA LYS A 303 15.22 -15.78 -7.81
C LYS A 303 14.99 -15.20 -9.21
N VAL A 304 13.77 -14.76 -9.47
CA VAL A 304 13.43 -14.14 -10.75
C VAL A 304 14.19 -12.83 -10.92
N LEU A 305 14.22 -12.03 -9.86
CA LEU A 305 14.86 -10.73 -9.87
C LEU A 305 16.36 -10.87 -10.18
N LEU A 306 17.01 -11.83 -9.53
CA LEU A 306 18.44 -12.06 -9.74
C LEU A 306 18.73 -12.61 -11.13
N ALA A 307 17.84 -13.46 -11.63
CA ALA A 307 18.03 -14.10 -12.93
C ALA A 307 17.87 -13.12 -14.08
N VAL A 308 17.28 -11.96 -13.81
CA VAL A 308 17.04 -10.97 -14.86
C VAL A 308 17.80 -9.67 -14.59
N SER A 309 18.64 -9.67 -13.56
CA SER A 309 19.41 -8.49 -13.21
C SER A 309 20.89 -8.55 -13.59
N GLU A 310 21.17 -9.20 -14.71
CA GLU A 310 22.52 -9.34 -15.26
C GLU A 310 23.30 -8.02 -15.19
CLAT A1EEX B . -2.84 10.93 -1.16
CAS A1EEX B . -2.70 9.22 -1.16
CAR A1EEX B . -2.60 8.56 -2.38
NAQ A1EEX B . -2.49 7.18 -2.42
CAP A1EEX B . -2.49 6.47 -1.22
CAO A1EEX B . -2.60 7.12 0.01
CLAU A1EEX B . -2.59 6.13 1.43
CAM A1EEX B . -2.70 8.52 0.04
CAK A1EEX B . -2.81 9.28 1.23
CAN A1EEX B . -4.29 9.40 1.61
OAJ A1EEX B . -2.09 8.75 2.35
CAA A1EEX B . -0.73 8.95 2.42
CAF A1EEX B . -0.02 9.71 1.50
CAE A1EEX B . 1.31 9.85 1.63
CAB A1EEX B . -0.04 8.35 3.46
CAC A1EEX B . 1.34 8.53 3.54
CAD A1EEX B . 1.97 9.27 2.64
NAG A1EEX B . 3.26 9.59 2.50
NAH A1EEX B . 3.41 10.30 1.51
CAI A1EEX B . 2.23 10.49 0.92
NAL A1EEX B . 2.08 11.23 -0.17
CAV A1EEX B . 2.12 10.64 -1.37
OAW A1EEX B . 2.29 9.44 -1.54
CAX A1EEX B . 1.90 11.51 -2.45
CBC A1EEX B . 0.73 11.38 -3.20
FBH A1EEX B . -0.16 10.43 -2.87
CBB A1EEX B . 0.49 12.23 -4.27
CBA A1EEX B . 1.41 13.21 -4.61
CAZ A1EEX B . 2.58 13.34 -3.88
CAY A1EEX B . 2.82 12.50 -2.80
NBD A1EEX B . 3.93 12.58 -2.08
CBE A1EEX B . 4.19 13.72 -1.41
OBG A1EEX B . 3.47 14.71 -1.39
CBF A1EEX B . 5.51 13.70 -0.63
CBI A1EEX B . 5.40 14.60 0.59
S SO4 C . -8.86 5.50 -4.31
O1 SO4 C . -9.06 5.01 -2.96
O2 SO4 C . -9.47 4.57 -5.26
O3 SO4 C . -9.48 6.82 -4.46
O4 SO4 C . -7.43 5.61 -4.60
S SO4 D . -7.41 -0.50 -17.44
O1 SO4 D . -7.89 -1.14 -16.20
O2 SO4 D . -8.29 -0.84 -18.54
O3 SO4 D . -7.39 0.95 -17.26
O4 SO4 D . -6.06 -0.98 -17.72
S SO4 E . -7.43 -24.19 -5.56
O1 SO4 E . -6.52 -24.58 -4.48
O2 SO4 E . -8.46 -25.21 -5.74
O3 SO4 E . -8.06 -22.92 -5.24
O4 SO4 E . -6.66 -24.05 -6.80
S SO4 F . -12.33 -2.52 13.20
O1 SO4 F . -11.25 -2.75 14.14
O2 SO4 F . -13.44 -3.42 13.50
O3 SO4 F . -12.78 -1.12 13.30
O4 SO4 F . -11.85 -2.78 11.84
S SO4 G . 15.50 6.78 -9.96
O1 SO4 G . 16.39 6.99 -8.81
O2 SO4 G . 15.29 5.35 -10.13
O3 SO4 G . 14.21 7.44 -9.73
O4 SO4 G . 16.13 7.32 -11.16
C TRS H . 23.43 4.59 -27.35
C1 TRS H . 22.51 5.79 -27.59
C2 TRS H . 24.11 4.72 -25.99
C3 TRS H . 24.47 4.49 -28.45
N TRS H . 22.62 3.37 -27.36
O1 TRS H . 23.27 6.93 -27.91
O2 TRS H . 23.12 4.81 -24.98
O3 TRS H . 23.84 4.23 -29.68
C TRS I . -7.84 7.54 -13.35
C1 TRS I . -8.18 7.55 -14.83
C2 TRS I . -6.37 7.93 -13.14
C3 TRS I . -8.11 6.16 -12.75
N TRS I . -8.68 8.52 -12.66
O1 TRS I . -7.43 6.58 -15.52
O2 TRS I . -5.53 7.10 -13.91
O3 TRS I . -9.28 5.61 -13.30
#